data_4IRP
#
_entry.id   4IRP
#
_cell.length_a   125.186
_cell.length_b   125.186
_cell.length_c   87.326
_cell.angle_alpha   90.00
_cell.angle_beta   90.00
_cell.angle_gamma   90.00
#
_symmetry.space_group_name_H-M   'P 41 21 2'
#
loop_
_entity.id
_entity.type
_entity.pdbx_description
1 polymer 'Beta-1,4-galactosyltransferase 7'
2 non-polymer "URIDINE-5'-DIPHOSPHATE"
3 non-polymer 'MANGANESE (II) ION'
4 non-polymer 'ACETATE ION'
5 non-polymer IMIDAZOLE
6 water water
#
_entity_poly.entity_id   1
_entity_poly.type   'polypeptide(L)'
_entity_poly.pdbx_seq_one_letter_code
;GSDIPEHWEEDASWGPHRLAVLVPFRERFEELLVFVPHMRRFLSRKKIRHHIYVLNQVDHFRFNRAALINVGFLESSNST
DYIAMHDVDLLPLNEELDYGFPEAGPFHVASPELHPLYHYKTYVGGILLLSKQHYRLCNGMSNRFWGWGREDDEFYRRIK
GAGLQLFRPSGITTGYKTFRHLHDPAWRKRDQKRIAAQKQEQFKVDREGGLNTVKYHVASRTALSVGGAPCTVLNIMLDC
DKTATPWCTFS
;
_entity_poly.pdbx_strand_id   A,B
#
loop_
_chem_comp.id
_chem_comp.type
_chem_comp.name
_chem_comp.formula
ACT non-polymer 'ACETATE ION' 'C2 H3 O2 -1'
IMD non-polymer IMIDAZOLE 'C3 H5 N2 1'
MN non-polymer 'MANGANESE (II) ION' 'Mn 2'
UDP RNA linking URIDINE-5'-DIPHOSPHATE 'C9 H14 N2 O12 P2'
#
# COMPACT_ATOMS: atom_id res chain seq x y z
N GLY A 1 -4.88 -3.90 -15.37
CA GLY A 1 -4.54 -5.30 -15.66
C GLY A 1 -3.14 -5.79 -15.25
N SER A 2 -2.97 -7.10 -15.35
CA SER A 2 -1.77 -7.76 -14.90
C SER A 2 -1.05 -8.80 -15.88
N ASP A 3 -1.03 -8.61 -17.21
CA ASP A 3 -0.28 -9.52 -18.10
CA ASP A 3 -0.28 -9.57 -18.06
C ASP A 3 1.24 -9.35 -17.84
N ILE A 4 2.02 -10.42 -17.99
CA ILE A 4 3.50 -10.28 -17.91
C ILE A 4 4.18 -10.24 -19.29
N PRO A 5 4.81 -9.11 -19.64
CA PRO A 5 5.31 -9.08 -21.03
C PRO A 5 6.60 -9.83 -21.12
N GLU A 6 6.97 -10.12 -22.33
CA GLU A 6 8.06 -10.97 -22.64
C GLU A 6 9.37 -10.43 -22.17
N HIS A 7 9.51 -9.11 -22.26
CA HIS A 7 10.78 -8.46 -22.01
C HIS A 7 11.06 -8.48 -20.51
N TRP A 8 10.10 -8.87 -19.66
CA TRP A 8 10.45 -9.14 -18.23
C TRP A 8 11.11 -10.52 -18.05
N GLU A 9 11.04 -11.38 -19.07
CA GLU A 9 11.73 -12.67 -18.90
C GLU A 9 13.28 -12.58 -18.98
N GLU A 10 13.97 -13.15 -18.00
CA GLU A 10 15.46 -13.25 -18.03
C GLU A 10 16.00 -14.31 -18.99
N ASP A 11 17.19 -14.07 -19.56
CA ASP A 11 17.91 -15.10 -20.36
C ASP A 11 19.43 -14.89 -20.17
N ALA A 12 20.22 -15.71 -20.86
CA ALA A 12 21.66 -15.75 -20.60
C ALA A 12 22.24 -14.43 -20.98
N SER A 13 21.55 -13.65 -21.83
CA SER A 13 22.10 -12.34 -22.21
C SER A 13 22.02 -11.26 -21.15
N TRP A 14 21.31 -11.47 -20.05
CA TRP A 14 21.21 -10.42 -19.01
C TRP A 14 22.44 -10.36 -18.15
N GLY A 15 23.14 -11.48 -18.07
CA GLY A 15 24.47 -11.42 -17.43
C GLY A 15 24.54 -11.96 -15.99
N PRO A 16 25.60 -11.64 -15.26
CA PRO A 16 25.58 -12.55 -14.10
C PRO A 16 25.13 -11.93 -12.75
N HIS A 17 25.03 -10.62 -12.63
CA HIS A 17 24.68 -10.01 -11.33
C HIS A 17 23.16 -9.92 -11.06
N ARG A 18 22.75 -9.72 -9.83
CA ARG A 18 21.34 -9.57 -9.61
C ARG A 18 21.13 -8.53 -8.49
N LEU A 19 20.21 -7.60 -8.71
CA LEU A 19 20.11 -6.39 -7.90
C LEU A 19 19.00 -6.59 -6.93
N ALA A 20 19.28 -6.41 -5.65
CA ALA A 20 18.22 -6.21 -4.62
C ALA A 20 17.84 -4.75 -4.50
N VAL A 21 16.59 -4.42 -4.86
CA VAL A 21 16.16 -3.02 -4.74
C VAL A 21 15.56 -2.90 -3.42
N LEU A 22 16.16 -2.09 -2.57
CA LEU A 22 15.71 -2.03 -1.18
C LEU A 22 14.94 -0.77 -0.97
N VAL A 23 13.62 -0.91 -0.79
CA VAL A 23 12.74 0.28 -0.73
C VAL A 23 12.15 0.51 0.68
N PRO A 24 12.75 1.43 1.46
CA PRO A 24 12.22 1.69 2.80
C PRO A 24 10.87 2.30 2.70
N PHE A 25 9.94 1.90 3.58
CA PHE A 25 8.56 2.27 3.26
C PHE A 25 7.70 2.56 4.49
N ARG A 26 6.95 3.63 4.44
CA ARG A 26 5.85 3.85 5.39
C ARG A 26 4.81 4.79 4.75
N GLU A 27 3.59 4.30 4.60
CA GLU A 27 2.51 5.14 4.11
C GLU A 27 2.86 5.81 2.77
N ARG A 28 3.27 5.02 1.78
CA ARG A 28 3.53 5.56 0.46
CA ARG A 28 3.50 5.59 0.46
C ARG A 28 2.85 4.67 -0.54
N PHE A 29 1.64 4.23 -0.21
CA PHE A 29 0.85 3.33 -1.05
C PHE A 29 0.76 3.82 -2.49
N GLU A 30 0.32 5.06 -2.67
CA GLU A 30 0.15 5.66 -3.99
CA GLU A 30 0.14 5.65 -3.99
C GLU A 30 1.44 5.62 -4.84
N GLU A 31 2.56 6.06 -4.27
CA GLU A 31 3.83 6.02 -4.95
C GLU A 31 4.23 4.54 -5.24
N LEU A 32 3.99 3.59 -4.33
CA LEU A 32 4.41 2.20 -4.55
C LEU A 32 3.76 1.61 -5.82
N LEU A 33 2.50 1.94 -6.02
CA LEU A 33 1.71 1.42 -7.13
C LEU A 33 2.29 1.86 -8.48
N VAL A 34 2.93 3.03 -8.52
CA VAL A 34 3.61 3.47 -9.70
C VAL A 34 5.01 2.87 -9.76
N PHE A 35 5.65 2.87 -8.60
CA PHE A 35 7.06 2.50 -8.49
C PHE A 35 7.37 1.04 -8.95
N VAL A 36 6.59 0.07 -8.46
CA VAL A 36 6.93 -1.36 -8.66
C VAL A 36 6.94 -1.69 -10.16
N PRO A 37 5.84 -1.39 -10.87
CA PRO A 37 5.94 -1.63 -12.33
C PRO A 37 6.86 -0.69 -13.07
N HIS A 38 6.94 0.57 -12.69
CA HIS A 38 7.97 1.46 -13.29
C HIS A 38 9.40 0.83 -13.28
N MET A 39 9.84 0.43 -12.10
CA MET A 39 11.18 -0.16 -11.98
C MET A 39 11.28 -1.53 -12.73
N ARG A 40 10.26 -2.37 -12.64
CA ARG A 40 10.30 -3.67 -13.33
C ARG A 40 10.58 -3.46 -14.86
N ARG A 41 9.91 -2.47 -15.44
N ARG A 41 9.87 -2.47 -15.40
CA ARG A 41 10.12 -2.11 -16.84
CA ARG A 41 10.00 -2.00 -16.76
C ARG A 41 11.45 -1.48 -17.10
C ARG A 41 11.38 -1.49 -17.06
N PHE A 42 11.72 -0.37 -16.39
CA PHE A 42 13.05 0.30 -16.53
C PHE A 42 14.19 -0.75 -16.46
N LEU A 43 14.18 -1.55 -15.40
CA LEU A 43 15.34 -2.45 -15.19
C LEU A 43 15.36 -3.62 -16.17
N SER A 44 14.16 -4.06 -16.52
CA SER A 44 14.07 -5.21 -17.39
C SER A 44 14.47 -4.82 -18.84
N ARG A 45 14.03 -3.67 -19.31
CA ARG A 45 14.61 -3.18 -20.57
C ARG A 45 16.15 -3.08 -20.58
N LYS A 46 16.75 -2.79 -19.42
CA LYS A 46 18.17 -2.62 -19.32
C LYS A 46 18.80 -3.99 -19.00
N LYS A 47 17.96 -5.02 -19.00
CA LYS A 47 18.45 -6.38 -18.74
C LYS A 47 19.17 -6.49 -17.38
N ILE A 48 18.63 -5.81 -16.38
CA ILE A 48 19.16 -5.90 -15.02
C ILE A 48 18.30 -6.87 -14.24
N ARG A 49 18.87 -8.02 -13.91
CA ARG A 49 18.16 -8.94 -13.05
C ARG A 49 17.89 -8.30 -11.68
N HIS A 50 16.64 -8.32 -11.24
CA HIS A 50 16.35 -7.74 -9.90
C HIS A 50 15.16 -8.35 -9.11
N HIS A 51 15.12 -8.06 -7.82
CA HIS A 51 14.01 -8.42 -6.96
CA HIS A 51 13.97 -8.39 -6.97
C HIS A 51 13.75 -7.13 -6.17
N ILE A 52 12.49 -6.72 -5.96
CA ILE A 52 12.23 -5.50 -5.24
C ILE A 52 11.73 -5.84 -3.83
N TYR A 53 12.32 -5.27 -2.78
CA TYR A 53 11.92 -5.51 -1.37
C TYR A 53 11.41 -4.24 -0.78
N VAL A 54 10.12 -4.26 -0.47
CA VAL A 54 9.50 -3.15 0.21
C VAL A 54 9.72 -3.35 1.70
N LEU A 55 10.51 -2.49 2.33
CA LEU A 55 10.87 -2.68 3.77
C LEU A 55 9.81 -1.92 4.59
N ASN A 56 8.83 -2.63 5.13
CA ASN A 56 7.62 -1.98 5.66
C ASN A 56 7.76 -1.93 7.20
N GLN A 57 8.06 -0.76 7.77
CA GLN A 57 8.29 -0.67 9.23
C GLN A 57 7.00 -0.63 10.01
N VAL A 58 6.66 -1.72 10.70
CA VAL A 58 5.40 -1.83 11.40
C VAL A 58 5.52 -1.84 12.91
N ASP A 59 6.72 -1.61 13.46
CA ASP A 59 6.82 -1.37 14.90
C ASP A 59 6.22 0.03 15.06
N HIS A 60 6.11 0.48 16.29
CA HIS A 60 5.55 1.82 16.51
C HIS A 60 6.63 2.83 16.89
N PHE A 61 7.92 2.50 16.65
CA PHE A 61 8.98 3.48 16.74
C PHE A 61 9.01 4.42 15.54
N ARG A 62 9.81 5.47 15.69
CA ARG A 62 10.02 6.41 14.60
C ARG A 62 10.60 5.72 13.44
N PHE A 63 10.40 6.28 12.27
CA PHE A 63 10.81 5.63 11.02
C PHE A 63 12.31 5.73 10.88
N ASN A 64 12.93 4.56 10.73
CA ASN A 64 14.37 4.42 10.72
C ASN A 64 14.81 3.79 9.39
N ARG A 65 14.96 4.64 8.37
CA ARG A 65 15.29 4.20 7.02
C ARG A 65 16.57 3.34 6.94
N ALA A 66 17.65 3.88 7.52
CA ALA A 66 18.93 3.23 7.59
C ALA A 66 18.81 1.86 8.24
N ALA A 67 18.14 1.80 9.38
CA ALA A 67 17.99 0.50 10.02
C ALA A 67 17.25 -0.45 9.09
N LEU A 68 16.19 0.03 8.44
CA LEU A 68 15.45 -0.76 7.44
C LEU A 68 16.31 -1.28 6.29
N ILE A 69 17.14 -0.41 5.69
CA ILE A 69 18.10 -0.86 4.70
CA ILE A 69 18.09 -0.83 4.70
C ILE A 69 19.02 -1.97 5.24
N ASN A 70 19.43 -1.87 6.50
CA ASN A 70 20.26 -2.93 7.04
C ASN A 70 19.49 -4.26 7.04
N VAL A 71 18.25 -4.22 7.54
CA VAL A 71 17.38 -5.38 7.45
C VAL A 71 17.14 -5.94 5.99
N GLY A 72 16.85 -5.08 5.03
CA GLY A 72 16.71 -5.47 3.65
C GLY A 72 17.94 -6.19 3.13
N PHE A 73 19.11 -5.65 3.43
CA PHE A 73 20.35 -6.32 3.04
C PHE A 73 20.32 -7.76 3.58
N LEU A 74 20.03 -7.86 4.88
CA LEU A 74 20.15 -9.12 5.64
C LEU A 74 19.08 -10.14 5.18
N GLU A 75 17.88 -9.67 4.80
CA GLU A 75 16.73 -10.51 4.44
C GLU A 75 16.62 -10.72 2.92
N SER A 76 17.39 -9.95 2.11
CA SER A 76 17.30 -10.08 0.67
C SER A 76 17.78 -11.50 0.34
N SER A 77 17.38 -12.01 -0.82
CA SER A 77 17.87 -13.27 -1.32
C SER A 77 19.39 -13.34 -1.44
N ASN A 78 19.99 -14.44 -1.03
CA ASN A 78 21.41 -14.61 -1.32
C ASN A 78 21.73 -14.65 -2.82
N SER A 79 20.72 -14.75 -3.70
CA SER A 79 20.98 -14.74 -5.15
C SER A 79 21.19 -13.31 -5.64
N THR A 80 20.93 -12.33 -4.78
CA THR A 80 21.29 -10.96 -5.20
C THR A 80 22.68 -10.61 -4.70
N ASP A 81 23.49 -9.93 -5.53
CA ASP A 81 24.88 -9.68 -5.08
C ASP A 81 25.20 -8.20 -4.97
N TYR A 82 24.20 -7.35 -5.22
CA TYR A 82 24.36 -5.92 -4.95
C TYR A 82 23.05 -5.35 -4.60
N ILE A 83 23.05 -4.20 -3.98
CA ILE A 83 21.80 -3.59 -3.56
C ILE A 83 21.61 -2.16 -4.13
N ALA A 84 20.39 -1.65 -4.14
CA ALA A 84 20.09 -0.26 -4.48
C ALA A 84 19.18 0.21 -3.35
N MET A 85 19.71 1.06 -2.51
CA MET A 85 18.93 1.76 -1.53
C MET A 85 18.14 2.83 -2.32
N HIS A 86 16.81 2.73 -2.32
CA HIS A 86 16.08 3.40 -3.38
C HIS A 86 14.80 3.99 -2.82
N ASP A 87 14.68 5.31 -2.87
CA ASP A 87 13.47 5.97 -2.45
C ASP A 87 12.34 5.53 -3.39
N VAL A 88 11.18 5.33 -2.76
CA VAL A 88 9.96 4.86 -3.44
C VAL A 88 9.38 5.94 -4.37
N ASP A 89 9.80 7.18 -4.19
CA ASP A 89 9.14 8.20 -4.95
C ASP A 89 10.09 8.85 -5.93
N LEU A 90 11.24 8.27 -6.13
CA LEU A 90 12.13 8.83 -7.14
C LEU A 90 12.27 7.92 -8.36
N LEU A 91 11.59 8.26 -9.44
CA LEU A 91 11.67 7.34 -10.59
C LEU A 91 12.69 7.72 -11.66
N PRO A 92 13.57 6.77 -12.06
CA PRO A 92 14.50 7.14 -13.13
C PRO A 92 13.79 7.19 -14.50
N LEU A 93 14.09 8.24 -15.25
CA LEU A 93 13.47 8.43 -16.61
C LEU A 93 14.47 8.26 -17.71
N ASN A 94 15.72 8.17 -17.32
CA ASN A 94 16.77 8.19 -18.30
C ASN A 94 17.45 6.83 -18.35
N GLU A 95 17.39 6.20 -19.51
CA GLU A 95 17.82 4.80 -19.72
C GLU A 95 19.35 4.65 -19.56
N GLU A 96 20.06 5.78 -19.65
CA GLU A 96 21.51 5.83 -19.49
C GLU A 96 21.98 5.84 -18.03
N LEU A 97 21.07 6.02 -17.08
CA LEU A 97 21.50 5.86 -15.66
C LEU A 97 22.01 4.43 -15.44
N ASP A 98 23.19 4.29 -14.88
CA ASP A 98 23.79 2.97 -14.75
C ASP A 98 23.34 2.24 -13.49
N TYR A 99 22.41 1.29 -13.64
CA TYR A 99 21.97 0.52 -12.48
C TYR A 99 22.65 -0.86 -12.50
N GLY A 100 23.69 -0.99 -13.30
CA GLY A 100 24.59 -2.13 -13.28
C GLY A 100 25.42 -2.36 -12.02
N PHE A 101 26.10 -3.53 -11.96
CA PHE A 101 26.85 -4.00 -10.76
C PHE A 101 27.99 -3.02 -10.49
N PRO A 102 28.06 -2.41 -9.28
CA PRO A 102 29.00 -1.25 -9.23
C PRO A 102 30.37 -1.68 -8.71
N GLU A 103 31.13 -2.36 -9.57
CA GLU A 103 32.30 -3.13 -9.10
C GLU A 103 33.34 -2.22 -8.50
N ALA A 104 33.51 -1.01 -9.06
CA ALA A 104 34.63 -0.16 -8.61
C ALA A 104 34.37 0.52 -7.30
N GLY A 105 33.11 0.64 -6.92
CA GLY A 105 32.73 1.44 -5.74
C GLY A 105 31.28 1.86 -5.75
N PRO A 106 30.79 2.34 -4.60
CA PRO A 106 29.35 2.72 -4.55
C PRO A 106 29.02 3.77 -5.66
N PHE A 107 27.85 3.56 -6.25
CA PHE A 107 27.43 4.33 -7.40
C PHE A 107 26.15 5.09 -7.04
N HIS A 108 26.31 6.42 -6.93
CA HIS A 108 25.22 7.35 -6.58
C HIS A 108 24.52 7.82 -7.86
N VAL A 109 23.48 7.05 -8.23
CA VAL A 109 22.56 7.33 -9.29
C VAL A 109 21.93 8.74 -9.23
N ALA A 110 21.34 9.12 -8.08
CA ALA A 110 20.64 10.40 -7.93
C ALA A 110 21.59 11.57 -7.53
N SER A 111 22.60 11.81 -8.36
CA SER A 111 23.60 12.84 -8.06
C SER A 111 22.95 14.25 -7.95
N PRO A 112 23.61 15.16 -7.20
CA PRO A 112 23.03 16.48 -6.95
C PRO A 112 22.84 17.22 -8.27
N GLU A 113 23.64 16.92 -9.29
CA GLU A 113 23.44 17.59 -10.57
C GLU A 113 22.22 17.04 -11.32
N LEU A 114 21.64 15.94 -10.81
CA LEU A 114 20.54 15.26 -11.50
C LEU A 114 19.26 15.20 -10.68
N HIS A 115 19.38 15.47 -9.40
CA HIS A 115 18.26 15.35 -8.50
C HIS A 115 17.41 16.56 -8.80
N PRO A 116 16.08 16.41 -8.68
CA PRO A 116 15.17 17.57 -8.87
C PRO A 116 15.22 18.62 -7.73
N LEU A 117 15.84 18.29 -6.60
CA LEU A 117 15.90 19.17 -5.43
C LEU A 117 17.30 19.38 -4.91
N TYR A 118 17.85 18.33 -4.31
CA TYR A 118 19.10 18.37 -3.55
C TYR A 118 20.32 18.61 -4.42
N HIS A 119 21.26 19.45 -3.97
CA HIS A 119 22.32 19.91 -4.87
C HIS A 119 23.75 20.05 -4.31
N TYR A 120 24.09 19.40 -3.17
CA TYR A 120 25.45 19.52 -2.57
C TYR A 120 26.42 18.33 -2.70
N LYS A 121 27.68 18.63 -3.01
CA LYS A 121 28.70 17.65 -3.42
C LYS A 121 28.69 16.28 -2.73
N THR A 122 28.49 16.27 -1.42
CA THR A 122 28.43 15.00 -0.66
C THR A 122 26.98 14.51 -0.31
N TYR A 123 25.96 15.04 -1.00
CA TYR A 123 24.60 14.45 -0.99
C TYR A 123 24.71 13.04 -1.56
N VAL A 124 24.25 12.09 -0.76
CA VAL A 124 24.46 10.67 -0.93
C VAL A 124 23.08 9.94 -0.97
N GLY A 125 21.98 10.70 -0.94
CA GLY A 125 20.66 10.08 -0.81
C GLY A 125 19.89 9.73 -2.08
N GLY A 126 18.64 9.34 -1.91
CA GLY A 126 17.77 9.01 -3.04
C GLY A 126 17.95 7.60 -3.61
N ILE A 127 19.00 7.41 -4.37
CA ILE A 127 19.30 6.14 -5.03
C ILE A 127 20.84 5.92 -4.96
N LEU A 128 21.25 4.88 -4.25
CA LEU A 128 22.68 4.59 -4.05
C LEU A 128 22.84 3.05 -4.17
N LEU A 129 23.72 2.61 -5.07
CA LEU A 129 24.00 1.19 -5.37
C LEU A 129 25.36 0.79 -4.78
N LEU A 130 25.41 -0.29 -4.04
CA LEU A 130 26.67 -0.88 -3.61
C LEU A 130 26.60 -2.40 -3.82
N SER A 131 27.77 -2.98 -4.09
CA SER A 131 27.97 -4.43 -4.12
C SER A 131 27.73 -4.87 -2.71
N LYS A 132 27.24 -6.09 -2.52
CA LYS A 132 27.01 -6.52 -1.12
C LYS A 132 28.34 -6.51 -0.32
N GLN A 133 29.46 -6.83 -0.99
CA GLN A 133 30.77 -6.83 -0.33
C GLN A 133 31.12 -5.42 0.21
N HIS A 134 30.84 -4.41 -0.60
CA HIS A 134 31.12 -3.05 -0.16
C HIS A 134 30.22 -2.58 0.94
N TYR A 135 28.97 -3.01 0.89
CA TYR A 135 28.01 -2.60 1.94
C TYR A 135 28.48 -3.25 3.24
N ARG A 136 28.82 -4.55 3.21
CA ARG A 136 29.40 -5.23 4.37
C ARG A 136 30.72 -4.57 4.84
N LEU A 137 31.59 -4.20 3.89
CA LEU A 137 32.83 -3.48 4.23
C LEU A 137 32.56 -2.21 5.07
N CYS A 138 31.40 -1.58 4.87
CA CYS A 138 31.05 -0.34 5.53
C CYS A 138 30.35 -0.60 6.85
N ASN A 139 30.05 -1.86 7.16
CA ASN A 139 29.15 -2.19 8.27
C ASN A 139 27.79 -1.56 8.08
N GLY A 140 27.39 -1.46 6.80
CA GLY A 140 26.04 -1.06 6.53
C GLY A 140 25.85 0.38 7.05
N MET A 141 24.62 0.71 7.40
CA MET A 141 24.33 2.08 7.84
C MET A 141 24.18 2.16 9.37
N SER A 142 24.33 3.37 9.94
CA SER A 142 24.03 3.56 11.36
C SER A 142 22.55 3.27 11.67
N ASN A 143 22.28 2.51 12.72
CA ASN A 143 20.91 2.34 13.16
C ASN A 143 20.44 3.43 14.12
N ARG A 144 21.35 4.31 14.51
CA ARG A 144 21.08 5.09 15.73
C ARG A 144 20.28 6.37 15.56
N PHE A 145 20.15 6.85 14.32
CA PHE A 145 19.52 8.13 14.01
C PHE A 145 18.02 8.23 14.31
N TRP A 146 17.29 7.12 14.11
CA TRP A 146 15.84 7.08 14.20
C TRP A 146 15.11 8.23 13.51
N GLY A 147 15.59 8.65 12.34
CA GLY A 147 14.88 9.65 11.59
C GLY A 147 15.48 11.04 11.85
N TRP A 148 16.30 11.21 12.89
CA TRP A 148 16.93 12.50 13.18
CA TRP A 148 16.92 12.51 13.14
C TRP A 148 18.29 12.59 12.50
N GLY A 149 18.81 13.81 12.38
CA GLY A 149 20.12 14.07 11.78
C GLY A 149 20.21 13.73 10.31
N ARG A 150 21.43 13.42 9.85
CA ARG A 150 21.70 13.05 8.45
C ARG A 150 22.38 11.65 8.30
N GLU A 151 21.56 10.61 8.34
CA GLU A 151 22.08 9.25 8.29
C GLU A 151 22.81 9.00 7.01
N ASP A 152 22.44 9.70 5.93
CA ASP A 152 23.17 9.59 4.68
C ASP A 152 24.60 10.12 4.65
N ASP A 153 24.83 11.31 5.22
CA ASP A 153 26.18 11.83 5.29
C ASP A 153 27.01 10.98 6.19
N GLU A 154 26.41 10.39 7.23
CA GLU A 154 27.22 9.52 8.08
C GLU A 154 27.62 8.32 7.20
N PHE A 155 26.75 7.93 6.28
CA PHE A 155 27.04 6.78 5.40
C PHE A 155 28.19 7.14 4.47
N TYR A 156 28.11 8.35 3.90
CA TYR A 156 29.23 8.82 3.12
C TYR A 156 30.56 8.72 3.89
N ARG A 157 30.57 9.11 5.17
N ARG A 157 30.57 9.11 5.17
CA ARG A 157 31.77 8.96 6.00
CA ARG A 157 31.77 8.94 5.99
C ARG A 157 32.25 7.49 6.16
C ARG A 157 32.25 7.47 6.12
N ARG A 158 31.32 6.54 6.27
CA ARG A 158 31.66 5.14 6.30
C ARG A 158 32.31 4.72 4.98
N ILE A 159 31.77 5.16 3.85
CA ILE A 159 32.32 4.81 2.55
C ILE A 159 33.80 5.23 2.36
N LYS A 160 34.08 6.48 2.73
CA LYS A 160 35.43 7.03 2.60
C LYS A 160 36.33 6.37 3.61
N GLY A 161 35.81 6.15 4.81
CA GLY A 161 36.62 5.53 5.83
C GLY A 161 36.99 4.10 5.50
N ALA A 162 36.23 3.49 4.59
CA ALA A 162 36.44 2.09 4.28
C ALA A 162 37.39 1.99 3.11
N GLY A 163 37.82 3.14 2.56
CA GLY A 163 38.79 3.13 1.50
C GLY A 163 38.17 3.21 0.12
N LEU A 164 36.85 3.30 0.12
CA LEU A 164 36.13 3.26 -1.12
C LEU A 164 36.00 4.67 -1.66
N GLN A 165 35.81 4.80 -2.97
CA GLN A 165 35.37 6.07 -3.48
C GLN A 165 33.94 5.99 -4.07
N LEU A 166 33.33 7.14 -4.23
CA LEU A 166 31.96 7.22 -4.72
C LEU A 166 32.01 7.61 -6.17
N PHE A 167 31.12 7.03 -6.98
CA PHE A 167 31.08 7.38 -8.39
C PHE A 167 29.67 7.86 -8.67
N ARG A 168 29.56 8.56 -9.80
CA ARG A 168 28.32 9.20 -10.19
C ARG A 168 28.13 9.13 -11.70
N PRO A 169 26.88 9.19 -12.16
CA PRO A 169 26.64 9.18 -13.60
C PRO A 169 27.51 10.27 -14.34
N SER A 170 28.10 9.93 -15.47
CA SER A 170 28.73 10.95 -16.30
C SER A 170 28.07 11.03 -17.67
N GLY A 171 28.05 12.21 -18.28
CA GLY A 171 27.50 12.32 -19.62
C GLY A 171 25.99 12.33 -19.70
N ILE A 172 25.32 12.50 -18.57
CA ILE A 172 23.87 12.58 -18.56
C ILE A 172 23.40 13.99 -18.89
N THR A 173 22.53 14.10 -19.88
CA THR A 173 22.17 15.43 -20.40
C THR A 173 20.77 15.92 -20.05
N THR A 174 19.97 15.09 -19.40
CA THR A 174 18.63 15.51 -18.98
C THR A 174 19.00 16.17 -17.71
N GLY A 175 18.12 16.83 -17.01
CA GLY A 175 18.79 17.58 -15.95
C GLY A 175 18.12 17.29 -14.67
N TYR A 176 17.31 18.25 -14.25
CA TYR A 176 16.41 18.01 -13.14
C TYR A 176 15.19 17.28 -13.66
N LYS A 177 15.28 16.84 -14.91
CA LYS A 177 14.25 16.00 -15.47
CA LYS A 177 14.30 16.04 -15.63
C LYS A 177 14.80 14.60 -15.78
N THR A 178 15.89 14.26 -15.13
CA THR A 178 16.42 12.90 -15.14
C THR A 178 15.52 11.87 -14.39
N PHE A 179 15.00 12.29 -13.23
CA PHE A 179 14.03 11.55 -12.45
C PHE A 179 12.66 12.20 -12.47
N ARG A 180 11.63 11.40 -12.22
CA ARG A 180 10.31 11.88 -11.83
CA ARG A 180 10.34 11.94 -11.83
C ARG A 180 10.23 11.81 -10.29
N HIS A 181 9.93 12.90 -9.61
CA HIS A 181 9.87 12.85 -8.16
C HIS A 181 8.37 12.93 -7.91
N LEU A 182 7.82 11.87 -7.33
CA LEU A 182 6.40 11.76 -6.98
C LEU A 182 6.12 12.50 -5.67
N HIS A 183 4.98 13.17 -5.56
CA HIS A 183 4.71 13.92 -4.31
C HIS A 183 3.24 14.11 -4.00
N PHE A 203 23.18 15.28 13.87
CA PHE A 203 22.84 14.58 15.10
C PHE A 203 24.04 13.70 15.48
N LYS A 204 24.68 14.03 16.60
CA LYS A 204 25.87 13.29 17.05
C LYS A 204 25.54 12.07 17.93
N VAL A 205 25.30 10.94 17.27
CA VAL A 205 25.14 9.63 17.92
C VAL A 205 26.51 8.96 17.99
N ASP A 206 26.62 7.90 18.81
CA ASP A 206 27.78 7.00 18.78
C ASP A 206 27.99 6.48 17.34
N ARG A 207 29.25 6.37 16.91
CA ARG A 207 29.59 5.86 15.58
C ARG A 207 29.47 4.33 15.44
N GLU A 208 29.52 3.64 16.58
CA GLU A 208 29.62 2.19 16.60
C GLU A 208 28.36 1.51 16.11
N GLY A 209 28.50 0.39 15.40
CA GLY A 209 27.34 -0.41 15.08
C GLY A 209 26.79 -0.17 13.69
N GLY A 210 25.82 -1.00 13.30
CA GLY A 210 25.21 -0.85 12.01
C GLY A 210 24.62 -2.19 11.61
N LEU A 211 25.06 -2.67 10.45
CA LEU A 211 24.70 -4.03 10.00
C LEU A 211 24.93 -5.12 11.08
N ASN A 212 26.09 -5.11 11.71
CA ASN A 212 26.33 -6.13 12.76
C ASN A 212 25.62 -5.92 14.10
N THR A 213 24.92 -4.82 14.29
CA THR A 213 24.18 -4.64 15.55
C THR A 213 22.67 -4.40 15.36
N VAL A 214 22.17 -4.35 14.13
CA VAL A 214 20.72 -4.13 13.97
C VAL A 214 19.95 -5.30 14.61
N LYS A 215 18.91 -4.97 15.37
CA LYS A 215 18.05 -5.96 16.02
C LYS A 215 16.63 -5.84 15.45
N TYR A 216 16.03 -6.98 15.09
CA TYR A 216 14.72 -6.91 14.43
C TYR A 216 14.11 -8.24 14.33
N HIS A 217 12.85 -8.26 13.91
CA HIS A 217 12.35 -9.49 13.38
C HIS A 217 11.35 -9.19 12.29
N VAL A 218 11.13 -10.18 11.44
CA VAL A 218 10.23 -10.01 10.35
C VAL A 218 8.91 -10.60 10.77
N ALA A 219 7.91 -9.75 10.98
CA ALA A 219 6.57 -10.14 11.41
C ALA A 219 5.87 -10.87 10.26
N SER A 220 6.04 -10.42 9.01
CA SER A 220 5.49 -11.23 7.90
C SER A 220 6.18 -10.85 6.59
N ARG A 221 5.97 -11.68 5.59
CA ARG A 221 6.53 -11.47 4.26
C ARG A 221 5.36 -11.73 3.33
N THR A 222 5.14 -10.87 2.34
CA THR A 222 3.95 -10.95 1.53
C THR A 222 4.38 -10.81 0.07
N ALA A 223 4.02 -11.77 -0.78
CA ALA A 223 4.20 -11.60 -2.22
C ALA A 223 3.16 -10.61 -2.78
N LEU A 224 3.64 -9.54 -3.41
CA LEU A 224 2.75 -8.52 -3.95
C LEU A 224 3.04 -8.38 -5.43
N SER A 225 2.00 -8.43 -6.29
CA SER A 225 2.09 -8.06 -7.71
C SER A 225 1.29 -6.77 -7.94
N VAL A 226 1.87 -5.89 -8.71
CA VAL A 226 1.25 -4.65 -9.01
C VAL A 226 1.23 -4.61 -10.50
N GLY A 227 0.01 -4.69 -11.05
CA GLY A 227 -0.22 -4.89 -12.46
C GLY A 227 0.72 -5.96 -13.02
N GLY A 228 0.81 -7.08 -12.34
CA GLY A 228 1.71 -8.12 -12.83
C GLY A 228 3.17 -8.05 -12.36
N ALA A 229 3.66 -6.85 -12.01
CA ALA A 229 5.05 -6.71 -11.58
C ALA A 229 5.25 -7.09 -10.08
N PRO A 230 6.05 -8.15 -9.77
CA PRO A 230 6.15 -8.67 -8.39
C PRO A 230 7.09 -7.89 -7.49
N CYS A 231 6.76 -7.83 -6.21
CA CYS A 231 7.73 -7.39 -5.18
C CYS A 231 7.42 -8.17 -3.90
N THR A 232 8.31 -8.08 -2.93
CA THR A 232 8.16 -8.77 -1.67
C THR A 232 8.08 -7.66 -0.61
N VAL A 233 7.02 -7.70 0.16
CA VAL A 233 6.80 -6.76 1.25
C VAL A 233 7.31 -7.45 2.53
N LEU A 234 8.32 -6.86 3.15
N LEU A 234 8.31 -6.85 3.16
CA LEU A 234 8.77 -7.34 4.46
CA LEU A 234 8.76 -7.33 4.45
C LEU A 234 8.18 -6.40 5.57
C LEU A 234 8.19 -6.40 5.57
N ASN A 235 7.31 -6.96 6.41
CA ASN A 235 6.82 -6.22 7.59
C ASN A 235 7.88 -6.38 8.71
N ILE A 236 8.66 -5.34 8.94
N ILE A 236 8.65 -5.32 8.93
CA ILE A 236 9.76 -5.42 9.85
CA ILE A 236 9.76 -5.36 9.85
C ILE A 236 9.38 -4.74 11.15
C ILE A 236 9.42 -4.69 11.18
N MET A 237 9.67 -5.41 12.27
CA MET A 237 9.57 -4.88 13.62
C MET A 237 11.00 -4.63 14.06
N LEU A 238 11.45 -3.39 14.03
CA LEU A 238 12.76 -3.07 14.58
C LEU A 238 12.72 -3.05 16.08
N ASP A 239 13.76 -3.56 16.73
CA ASP A 239 13.83 -3.39 18.18
CA ASP A 239 13.89 -3.43 18.18
C ASP A 239 14.56 -2.09 18.46
N CYS A 240 14.26 -1.46 19.58
CA CYS A 240 15.00 -0.29 19.99
C CYS A 240 15.47 -0.53 21.40
N ASP A 241 16.75 -0.35 21.62
CA ASP A 241 17.30 -0.30 22.98
C ASP A 241 17.06 1.12 23.51
N LYS A 242 15.98 1.31 24.29
CA LYS A 242 15.57 2.65 24.71
C LYS A 242 16.54 3.27 25.70
N THR A 243 17.49 2.47 26.19
CA THR A 243 18.41 2.99 27.17
C THR A 243 19.56 3.57 26.39
N ALA A 244 19.83 2.99 25.23
CA ALA A 244 20.84 3.53 24.35
C ALA A 244 20.29 4.64 23.44
N THR A 245 19.14 4.39 22.80
CA THR A 245 18.57 5.41 21.93
C THR A 245 17.10 5.68 22.31
N PRO A 246 16.85 6.27 23.52
CA PRO A 246 15.48 6.48 24.00
C PRO A 246 14.64 7.20 22.99
N TRP A 247 15.30 8.01 22.15
CA TRP A 247 14.63 8.85 21.21
C TRP A 247 13.98 8.05 20.10
N CYS A 248 14.12 6.73 20.13
CA CYS A 248 13.46 5.95 19.10
C CYS A 248 11.96 6.04 19.36
N THR A 249 11.57 6.00 20.64
CA THR A 249 10.17 6.25 21.04
C THR A 249 9.61 7.64 20.78
N PHE A 250 10.43 8.63 20.45
CA PHE A 250 9.87 9.98 20.49
C PHE A 250 9.00 10.24 19.25
N SER A 251 7.87 9.54 19.19
CA SER A 251 6.96 9.63 18.04
C SER A 251 5.51 9.66 18.50
N GLY B 1 4.87 -16.41 -1.17
CA GLY B 1 3.63 -17.16 -1.02
C GLY B 1 2.51 -16.61 -1.88
N SER B 2 2.52 -16.98 -3.17
CA SER B 2 1.55 -16.53 -4.17
C SER B 2 0.70 -17.60 -4.94
N ASP B 3 0.58 -18.84 -4.47
CA ASP B 3 -0.21 -19.83 -5.25
C ASP B 3 -1.73 -19.55 -5.16
N ILE B 4 -2.50 -19.96 -6.20
CA ILE B 4 -3.98 -19.89 -6.09
C ILE B 4 -4.66 -21.25 -5.75
N PRO B 5 -5.15 -21.37 -4.51
CA PRO B 5 -5.81 -22.62 -4.07
C PRO B 5 -7.07 -22.91 -4.87
N GLU B 6 -7.34 -24.19 -5.03
CA GLU B 6 -8.50 -24.65 -5.79
C GLU B 6 -9.85 -24.05 -5.34
N HIS B 7 -9.96 -23.82 -4.05
CA HIS B 7 -11.24 -23.48 -3.48
C HIS B 7 -11.56 -21.98 -3.77
N TRP B 8 -10.64 -21.21 -4.37
CA TRP B 8 -11.02 -19.83 -4.85
C TRP B 8 -11.67 -19.96 -6.22
N GLU B 9 -11.69 -21.14 -6.79
CA GLU B 9 -12.24 -21.29 -8.15
C GLU B 9 -13.74 -21.42 -8.09
N GLU B 10 -14.46 -20.64 -8.93
CA GLU B 10 -15.95 -20.68 -8.99
C GLU B 10 -16.46 -21.83 -9.79
N ASP B 11 -17.61 -22.37 -9.37
CA ASP B 11 -18.35 -23.30 -10.22
C ASP B 11 -19.88 -23.04 -10.07
N ALA B 12 -20.64 -23.87 -10.74
CA ALA B 12 -22.08 -23.67 -10.81
C ALA B 12 -22.72 -23.78 -9.45
N SER B 13 -22.05 -24.45 -8.50
CA SER B 13 -22.63 -24.56 -7.17
C SER B 13 -22.51 -23.25 -6.40
N TRP B 14 -21.74 -22.27 -6.90
CA TRP B 14 -21.61 -21.06 -6.09
C TRP B 14 -22.88 -20.20 -6.21
N GLY B 15 -23.64 -20.36 -7.28
CA GLY B 15 -24.91 -19.67 -7.26
C GLY B 15 -24.88 -18.36 -8.01
N PRO B 16 -26.05 -17.73 -8.20
CA PRO B 16 -26.20 -16.66 -9.18
C PRO B 16 -25.67 -15.22 -8.84
N HIS B 17 -25.42 -14.88 -7.58
CA HIS B 17 -25.15 -13.47 -7.25
C HIS B 17 -23.70 -13.15 -7.17
N ARG B 18 -23.32 -11.88 -7.38
CA ARG B 18 -21.91 -11.62 -7.21
C ARG B 18 -21.69 -10.33 -6.42
N LEU B 19 -20.76 -10.38 -5.49
CA LEU B 19 -20.57 -9.34 -4.50
C LEU B 19 -19.47 -8.37 -4.88
N ALA B 20 -19.74 -7.07 -4.92
CA ALA B 20 -18.64 -6.11 -5.02
C ALA B 20 -18.32 -5.69 -3.62
N VAL B 21 -17.13 -6.03 -3.19
CA VAL B 21 -16.70 -5.55 -1.85
C VAL B 21 -16.09 -4.17 -1.98
N LEU B 22 -16.71 -3.15 -1.36
CA LEU B 22 -16.31 -1.77 -1.62
C LEU B 22 -15.52 -1.28 -0.42
N VAL B 23 -14.21 -1.08 -0.59
CA VAL B 23 -13.30 -0.79 0.55
C VAL B 23 -12.74 0.66 0.46
N PRO B 24 -13.36 1.59 1.21
CA PRO B 24 -12.87 2.98 1.30
C PRO B 24 -11.46 2.99 1.90
N PHE B 25 -10.55 3.74 1.33
CA PHE B 25 -9.18 3.45 1.71
C PHE B 25 -8.37 4.68 1.63
N ARG B 26 -7.48 4.83 2.59
CA ARG B 26 -6.46 5.87 2.50
C ARG B 26 -5.43 5.50 3.53
N GLU B 27 -4.21 5.29 3.04
CA GLU B 27 -3.10 4.87 3.87
C GLU B 27 -3.43 3.86 4.97
N ARG B 28 -3.89 2.70 4.53
CA ARG B 28 -4.08 1.58 5.43
CA ARG B 28 -4.08 1.58 5.42
C ARG B 28 -3.40 0.34 4.80
N PHE B 29 -2.17 0.53 4.32
CA PHE B 29 -1.45 -0.50 3.55
C PHE B 29 -1.29 -1.80 4.35
N GLU B 30 -0.83 -1.65 5.60
CA GLU B 30 -0.64 -2.78 6.48
C GLU B 30 -1.94 -3.60 6.58
N GLU B 31 -3.07 -2.92 6.87
CA GLU B 31 -4.37 -3.55 6.98
C GLU B 31 -4.79 -4.27 5.65
N LEU B 32 -4.54 -3.59 4.55
CA LEU B 32 -4.89 -4.09 3.22
C LEU B 32 -4.23 -5.44 2.94
N LEU B 33 -2.95 -5.54 3.29
CA LEU B 33 -2.19 -6.76 3.03
C LEU B 33 -2.78 -7.96 3.81
N VAL B 34 -3.41 -7.74 4.95
CA VAL B 34 -4.12 -8.81 5.66
C VAL B 34 -5.54 -8.98 5.08
N PHE B 35 -6.16 -7.86 4.77
CA PHE B 35 -7.58 -7.87 4.40
C PHE B 35 -7.88 -8.66 3.09
N VAL B 36 -7.10 -8.41 2.06
CA VAL B 36 -7.45 -8.91 0.73
C VAL B 36 -7.41 -10.49 0.72
N PRO B 37 -6.28 -11.10 1.14
CA PRO B 37 -6.32 -12.57 1.19
C PRO B 37 -7.32 -13.08 2.23
N HIS B 38 -7.47 -12.37 3.32
CA HIS B 38 -8.45 -12.78 4.35
C HIS B 38 -9.91 -12.88 3.79
N MET B 39 -10.37 -11.85 3.13
CA MET B 39 -11.70 -11.87 2.56
C MET B 39 -11.77 -12.89 1.40
N ARG B 40 -10.72 -12.98 0.59
CA ARG B 40 -10.72 -13.93 -0.52
C ARG B 40 -11.00 -15.38 0.01
N ARG B 41 -10.33 -15.73 1.10
CA ARG B 41 -10.52 -17.07 1.70
C ARG B 41 -11.85 -17.23 2.34
N PHE B 42 -12.17 -16.31 3.28
CA PHE B 42 -13.49 -16.28 3.93
C PHE B 42 -14.67 -16.40 2.92
N LEU B 43 -14.68 -15.54 1.92
CA LEU B 43 -15.81 -15.52 0.99
C LEU B 43 -15.82 -16.76 0.09
N SER B 44 -14.63 -17.19 -0.31
CA SER B 44 -14.57 -18.33 -1.24
C SER B 44 -14.99 -19.59 -0.53
N ARG B 45 -14.61 -19.72 0.76
CA ARG B 45 -15.07 -20.88 1.51
C ARG B 45 -16.59 -20.86 1.67
N LYS B 46 -17.22 -19.68 1.67
CA LYS B 46 -18.67 -19.65 1.70
C LYS B 46 -19.29 -19.61 0.31
N LYS B 47 -18.49 -19.85 -0.70
CA LYS B 47 -18.99 -19.80 -2.09
C LYS B 47 -19.76 -18.48 -2.47
N ILE B 48 -19.22 -17.36 -2.05
CA ILE B 48 -19.71 -16.03 -2.49
C ILE B 48 -18.75 -15.57 -3.57
N ARG B 49 -19.23 -15.57 -4.81
CA ARG B 49 -18.55 -14.93 -5.92
C ARG B 49 -18.31 -13.46 -5.58
N HIS B 50 -17.07 -12.99 -5.73
CA HIS B 50 -16.85 -11.59 -5.38
C HIS B 50 -15.68 -10.93 -6.08
N HIS B 51 -15.61 -9.61 -5.93
CA HIS B 51 -14.49 -8.82 -6.42
C HIS B 51 -14.25 -7.75 -5.38
N ILE B 52 -12.99 -7.47 -5.09
CA ILE B 52 -12.73 -6.52 -4.04
C ILE B 52 -12.25 -5.23 -4.71
N TYR B 53 -12.86 -4.09 -4.36
CA TYR B 53 -12.48 -2.83 -4.93
C TYR B 53 -11.96 -1.93 -3.81
N VAL B 54 -10.72 -1.50 -3.98
CA VAL B 54 -10.02 -0.66 -3.02
C VAL B 54 -10.14 0.73 -3.52
N LEU B 55 -10.84 1.51 -2.73
CA LEU B 55 -11.33 2.81 -3.22
C LEU B 55 -10.39 3.86 -2.70
N ASN B 56 -9.40 4.23 -3.52
CA ASN B 56 -8.22 4.86 -2.97
C ASN B 56 -8.39 6.39 -3.17
N GLN B 57 -8.71 7.14 -2.13
CA GLN B 57 -8.94 8.60 -2.33
C GLN B 57 -7.60 9.37 -2.47
N VAL B 58 -7.27 9.75 -3.70
CA VAL B 58 -6.00 10.39 -4.04
C VAL B 58 -6.09 11.92 -4.34
N ASP B 59 -7.28 12.51 -4.22
CA ASP B 59 -7.40 13.98 -4.22
C ASP B 59 -6.80 14.47 -2.90
N HIS B 60 -6.71 15.77 -2.75
CA HIS B 60 -6.16 16.35 -1.52
C HIS B 60 -7.24 16.76 -0.52
N PHE B 61 -8.49 16.37 -0.74
CA PHE B 61 -9.55 16.75 0.19
C PHE B 61 -9.60 15.83 1.34
N ARG B 62 -10.39 16.19 2.32
CA ARG B 62 -10.63 15.33 3.46
C ARG B 62 -11.22 14.00 3.06
N PHE B 63 -10.88 12.96 3.81
CA PHE B 63 -11.35 11.61 3.53
C PHE B 63 -12.87 11.61 3.55
N ASN B 64 -13.46 11.23 2.39
CA ASN B 64 -14.91 11.13 2.23
C ASN B 64 -15.42 9.70 1.92
N ARG B 65 -15.51 8.89 2.97
CA ARG B 65 -15.91 7.49 2.86
C ARG B 65 -17.21 7.33 2.05
N ALA B 66 -18.20 8.19 2.33
CA ALA B 66 -19.52 8.04 1.73
C ALA B 66 -19.43 8.26 0.24
N ALA B 67 -18.76 9.33 -0.16
CA ALA B 67 -18.61 9.62 -1.57
C ALA B 67 -17.84 8.48 -2.27
N LEU B 68 -16.78 8.00 -1.65
CA LEU B 68 -15.99 6.84 -2.14
C LEU B 68 -16.88 5.67 -2.42
N ILE B 69 -17.75 5.30 -1.48
CA ILE B 69 -18.71 4.24 -1.73
C ILE B 69 -19.64 4.50 -2.94
N ASN B 70 -20.11 5.74 -3.10
CA ASN B 70 -20.91 6.06 -4.30
C ASN B 70 -20.08 5.74 -5.56
N VAL B 71 -18.81 6.14 -5.52
CA VAL B 71 -17.90 5.88 -6.66
C VAL B 71 -17.65 4.41 -6.89
N GLY B 72 -17.36 3.66 -5.81
CA GLY B 72 -17.23 2.24 -5.94
C GLY B 72 -18.45 1.54 -6.57
N PHE B 73 -19.63 1.94 -6.13
CA PHE B 73 -20.84 1.42 -6.72
C PHE B 73 -20.87 1.65 -8.26
N LEU B 74 -20.59 2.89 -8.65
CA LEU B 74 -20.64 3.37 -10.05
C LEU B 74 -19.55 2.69 -10.94
N GLU B 75 -18.39 2.46 -10.37
CA GLU B 75 -17.22 1.96 -11.08
C GLU B 75 -17.12 0.38 -11.04
N SER B 76 -17.88 -0.24 -10.13
CA SER B 76 -17.84 -1.69 -9.91
C SER B 76 -18.34 -2.35 -11.21
N SER B 77 -17.94 -3.62 -11.43
CA SER B 77 -18.39 -4.37 -12.60
C SER B 77 -19.90 -4.51 -12.63
N ASN B 78 -20.56 -4.29 -13.78
CA ASN B 78 -21.98 -4.64 -13.92
C ASN B 78 -22.21 -6.13 -13.69
N SER B 79 -21.17 -6.97 -13.58
CA SER B 79 -21.42 -8.37 -13.22
C SER B 79 -21.62 -8.54 -11.70
N THR B 80 -21.37 -7.48 -10.90
CA THR B 80 -21.77 -7.59 -9.44
C THR B 80 -23.17 -7.05 -9.23
N ASP B 81 -23.99 -7.71 -8.39
CA ASP B 81 -25.36 -7.26 -8.25
C ASP B 81 -25.70 -6.86 -6.84
N TYR B 82 -24.79 -6.98 -5.90
CA TYR B 82 -24.95 -6.36 -4.57
C TYR B 82 -23.59 -5.85 -4.09
N ILE B 83 -23.54 -5.00 -3.06
CA ILE B 83 -22.25 -4.43 -2.65
C ILE B 83 -22.07 -4.67 -1.13
N ALA B 84 -20.85 -4.64 -0.66
CA ALA B 84 -20.58 -4.57 0.75
C ALA B 84 -19.71 -3.37 0.97
N MET B 85 -20.25 -2.41 1.73
CA MET B 85 -19.53 -1.24 2.21
C MET B 85 -18.71 -1.77 3.39
N HIS B 86 -17.38 -1.88 3.25
CA HIS B 86 -16.63 -2.79 4.13
C HIS B 86 -15.38 -2.04 4.58
N ASP B 87 -15.31 -1.70 5.86
CA ASP B 87 -14.07 -1.17 6.44
C ASP B 87 -12.84 -2.13 6.19
N VAL B 88 -11.69 -1.56 5.81
CA VAL B 88 -10.49 -2.35 5.54
C VAL B 88 -9.93 -3.03 6.82
N ASP B 89 -10.35 -2.57 8.00
CA ASP B 89 -9.75 -3.09 9.23
C ASP B 89 -10.67 -3.98 10.04
N LEU B 90 -11.81 -4.38 9.45
CA LEU B 90 -12.71 -5.25 10.22
C LEU B 90 -12.84 -6.60 9.55
N LEU B 91 -12.29 -7.64 10.17
CA LEU B 91 -12.20 -8.95 9.49
C LEU B 91 -13.18 -9.89 10.14
N PRO B 92 -14.06 -10.49 9.33
CA PRO B 92 -14.99 -11.44 9.93
C PRO B 92 -14.29 -12.75 10.29
N LEU B 93 -14.56 -13.24 11.48
CA LEU B 93 -13.94 -14.46 11.96
C LEU B 93 -14.96 -15.61 12.01
N ASN B 94 -16.23 -15.28 11.90
CA ASN B 94 -17.28 -16.26 12.14
C ASN B 94 -17.98 -16.58 10.82
N GLU B 95 -17.87 -17.82 10.35
CA GLU B 95 -18.28 -18.28 9.03
C GLU B 95 -19.80 -18.24 8.86
N GLU B 96 -20.51 -18.08 9.96
CA GLU B 96 -21.95 -17.95 9.93
C GLU B 96 -22.45 -16.53 9.66
N LEU B 97 -21.56 -15.53 9.64
CA LEU B 97 -22.05 -14.18 9.27
C LEU B 97 -22.60 -14.28 7.83
N ASP B 98 -23.84 -13.84 7.56
CA ASP B 98 -24.37 -13.98 6.20
C ASP B 98 -23.87 -12.89 5.22
N TYR B 99 -22.91 -13.24 4.38
CA TYR B 99 -22.52 -12.31 3.31
C TYR B 99 -23.23 -12.61 1.97
N GLY B 100 -24.33 -13.35 2.04
CA GLY B 100 -25.18 -13.68 0.91
C GLY B 100 -25.98 -12.52 0.37
N PHE B 101 -26.64 -12.76 -0.78
CA PHE B 101 -27.40 -11.69 -1.49
C PHE B 101 -28.57 -11.21 -0.57
N PRO B 102 -28.59 -9.94 -0.15
CA PRO B 102 -29.53 -9.56 0.94
C PRO B 102 -30.87 -9.12 0.36
N GLU B 103 -31.60 -10.09 -0.16
CA GLU B 103 -32.76 -9.78 -0.99
C GLU B 103 -33.82 -9.03 -0.23
N ALA B 104 -34.01 -9.33 1.05
CA ALA B 104 -35.10 -8.71 1.81
C ALA B 104 -34.94 -7.25 2.24
N GLY B 105 -33.70 -6.79 2.37
CA GLY B 105 -33.38 -5.43 2.78
C GLY B 105 -31.87 -5.47 3.14
N PRO B 106 -31.26 -4.30 3.38
CA PRO B 106 -29.86 -4.12 3.79
C PRO B 106 -29.50 -4.97 5.02
N PHE B 107 -28.34 -5.61 4.98
CA PHE B 107 -27.97 -6.54 5.99
C PHE B 107 -26.74 -6.02 6.68
N HIS B 108 -26.89 -5.58 7.93
CA HIS B 108 -25.78 -5.02 8.71
C HIS B 108 -25.01 -6.15 9.45
N VAL B 109 -23.92 -6.62 8.83
CA VAL B 109 -23.08 -7.70 9.30
C VAL B 109 -22.45 -7.28 10.63
N ALA B 110 -22.03 -6.03 10.72
CA ALA B 110 -21.28 -5.64 11.91
C ALA B 110 -22.21 -5.08 13.04
N SER B 111 -23.21 -5.86 13.44
CA SER B 111 -24.26 -5.34 14.36
C SER B 111 -23.58 -4.90 15.66
N PRO B 112 -24.24 -3.97 16.40
CA PRO B 112 -23.69 -3.44 17.66
C PRO B 112 -23.47 -4.54 18.71
N GLU B 113 -24.23 -5.62 18.63
CA GLU B 113 -24.00 -6.75 19.53
C GLU B 113 -22.75 -7.54 19.17
N LEU B 114 -22.29 -7.45 17.92
CA LEU B 114 -21.10 -8.20 17.49
C LEU B 114 -19.86 -7.35 17.27
N HIS B 115 -20.03 -6.03 17.20
CA HIS B 115 -18.93 -5.14 16.92
C HIS B 115 -18.01 -5.04 18.14
N PRO B 116 -16.68 -4.94 17.91
CA PRO B 116 -15.69 -4.84 19.01
C PRO B 116 -15.83 -3.60 19.88
N LEU B 117 -16.42 -2.54 19.33
CA LEU B 117 -16.48 -1.24 19.98
C LEU B 117 -17.88 -0.63 20.01
N TYR B 118 -18.46 -0.35 18.84
CA TYR B 118 -19.73 0.36 18.70
C TYR B 118 -20.96 -0.47 19.09
N HIS B 119 -21.88 0.15 19.85
CA HIS B 119 -22.93 -0.58 20.56
C HIS B 119 -24.40 -0.11 20.52
N TYR B 120 -24.70 0.96 19.78
CA TYR B 120 -26.08 1.48 19.76
C TYR B 120 -27.02 1.02 18.63
N LYS B 121 -28.28 0.87 18.99
CA LYS B 121 -29.30 0.22 18.17
C LYS B 121 -29.26 0.59 16.67
N THR B 122 -29.00 1.86 16.39
CA THR B 122 -28.98 2.34 15.01
C THR B 122 -27.55 2.57 14.44
N TYR B 123 -26.51 2.03 15.10
CA TYR B 123 -25.15 1.98 14.53
C TYR B 123 -25.19 1.14 13.29
N VAL B 124 -24.88 1.75 12.16
CA VAL B 124 -24.95 1.10 10.84
C VAL B 124 -23.60 0.90 10.15
N GLY B 125 -22.50 1.13 10.86
CA GLY B 125 -21.23 1.22 10.16
C GLY B 125 -20.50 -0.12 10.04
N GLY B 126 -19.26 -0.04 9.57
CA GLY B 126 -18.33 -1.17 9.56
C GLY B 126 -18.48 -2.05 8.30
N ILE B 127 -19.57 -2.79 8.26
CA ILE B 127 -19.87 -3.69 7.16
C ILE B 127 -21.39 -3.73 6.96
N LEU B 128 -21.84 -3.30 5.78
CA LEU B 128 -23.29 -3.21 5.50
C LEU B 128 -23.51 -3.65 4.04
N LEU B 129 -24.42 -4.63 3.80
CA LEU B 129 -24.62 -5.22 2.44
C LEU B 129 -25.95 -4.68 1.92
N LEU B 130 -26.00 -4.25 0.65
N LEU B 130 -25.99 -4.31 0.65
CA LEU B 130 -27.27 -3.90 -0.01
CA LEU B 130 -27.21 -3.85 -0.04
C LEU B 130 -27.22 -4.50 -1.41
C LEU B 130 -27.21 -4.51 -1.43
N SER B 131 -28.37 -4.95 -1.92
CA SER B 131 -28.55 -5.21 -3.37
C SER B 131 -28.21 -3.87 -4.04
N LYS B 132 -27.72 -3.92 -5.30
CA LYS B 132 -27.51 -2.68 -6.01
C LYS B 132 -28.83 -1.98 -6.15
N GLN B 133 -29.87 -2.79 -6.30
CA GLN B 133 -31.22 -2.20 -6.53
C GLN B 133 -31.66 -1.36 -5.29
N HIS B 134 -31.51 -1.92 -4.13
CA HIS B 134 -31.70 -1.12 -2.88
C HIS B 134 -30.84 0.10 -2.71
N TYR B 135 -29.61 -0.01 -3.19
CA TYR B 135 -28.65 1.06 -2.94
C TYR B 135 -29.05 2.23 -3.82
N ARG B 136 -29.45 1.89 -5.02
CA ARG B 136 -29.97 2.88 -5.95
C ARG B 136 -31.31 3.49 -5.43
N LEU B 137 -32.19 2.68 -4.87
CA LEU B 137 -33.46 3.15 -4.34
C LEU B 137 -33.18 4.20 -3.27
N CYS B 138 -32.02 4.12 -2.59
CA CYS B 138 -31.66 5.06 -1.55
C CYS B 138 -30.91 6.26 -2.11
N ASN B 139 -30.58 6.27 -3.40
CA ASN B 139 -29.69 7.31 -3.93
C ASN B 139 -28.34 7.31 -3.22
N GLY B 140 -27.90 6.10 -2.84
CA GLY B 140 -26.57 5.98 -2.29
C GLY B 140 -26.50 6.83 -0.98
N MET B 141 -25.29 7.30 -0.71
CA MET B 141 -24.98 7.99 0.55
C MET B 141 -24.74 9.46 0.26
N SER B 142 -24.78 10.27 1.32
CA SER B 142 -24.57 11.70 1.16
C SER B 142 -23.10 11.97 0.78
N ASN B 143 -22.83 12.84 -0.21
CA ASN B 143 -21.43 13.23 -0.46
C ASN B 143 -20.97 14.36 0.42
N ARG B 144 -21.92 15.00 1.13
CA ARG B 144 -21.73 16.41 1.54
C ARG B 144 -20.95 16.57 2.85
N PHE B 145 -20.82 15.46 3.61
CA PHE B 145 -20.17 15.43 4.94
C PHE B 145 -18.65 15.71 5.02
N TRP B 146 -17.90 15.17 4.06
CA TRP B 146 -16.45 15.16 4.03
C TRP B 146 -15.80 14.78 5.33
N GLY B 147 -16.36 13.77 6.01
CA GLY B 147 -15.74 13.29 7.23
C GLY B 147 -16.35 13.89 8.49
N TRP B 148 -17.12 14.97 8.37
CA TRP B 148 -17.75 15.58 9.55
C TRP B 148 -19.06 14.86 9.76
N GLY B 149 -19.69 15.07 10.92
CA GLY B 149 -21.05 14.58 11.14
C GLY B 149 -21.14 13.06 11.17
N ARG B 150 -22.33 12.53 10.86
CA ARG B 150 -22.59 11.08 10.95
C ARG B 150 -23.15 10.52 9.63
N GLU B 151 -22.27 10.33 8.67
CA GLU B 151 -22.71 9.96 7.34
C GLU B 151 -23.43 8.62 7.35
N ASP B 152 -23.05 7.74 8.29
CA ASP B 152 -23.80 6.48 8.45
C ASP B 152 -25.22 6.63 8.99
N ASP B 153 -25.43 7.51 9.98
CA ASP B 153 -26.80 7.71 10.50
C ASP B 153 -27.67 8.31 9.45
N GLU B 154 -27.10 9.21 8.63
CA GLU B 154 -27.88 9.78 7.58
C GLU B 154 -28.24 8.64 6.60
N PHE B 155 -27.37 7.62 6.44
CA PHE B 155 -27.71 6.57 5.51
C PHE B 155 -28.83 5.69 6.10
N TYR B 156 -28.78 5.43 7.39
CA TYR B 156 -29.86 4.67 8.03
C TYR B 156 -31.20 5.36 7.78
N ARG B 157 -31.23 6.70 7.89
CA ARG B 157 -32.46 7.45 7.58
CA ARG B 157 -32.41 7.51 7.53
CA ARG B 157 -32.40 7.56 7.50
C ARG B 157 -32.87 7.33 6.07
N ARG B 158 -31.92 7.30 5.13
CA ARG B 158 -32.34 7.02 3.74
C ARG B 158 -32.95 5.61 3.64
N ILE B 159 -32.36 4.62 4.32
CA ILE B 159 -32.89 3.23 4.23
C ILE B 159 -34.35 3.18 4.67
N LYS B 160 -34.63 3.78 5.83
CA LYS B 160 -35.99 3.87 6.35
C LYS B 160 -36.89 4.70 5.48
N GLY B 161 -36.47 5.93 5.10
CA GLY B 161 -37.35 6.73 4.22
C GLY B 161 -37.63 6.05 2.87
N ALA B 162 -36.86 5.01 2.55
CA ALA B 162 -37.03 4.39 1.23
C ALA B 162 -37.99 3.24 1.40
N GLY B 163 -38.47 3.02 2.62
CA GLY B 163 -39.38 1.90 2.84
C GLY B 163 -38.75 0.56 3.16
N LEU B 164 -37.42 0.60 3.33
CA LEU B 164 -36.64 -0.61 3.50
C LEU B 164 -36.54 -0.94 4.98
N GLN B 165 -36.39 -2.23 5.26
CA GLN B 165 -36.13 -2.80 6.59
C GLN B 165 -34.64 -3.18 6.75
N LEU B 166 -33.99 -2.82 7.87
CA LEU B 166 -32.57 -3.21 8.10
C LEU B 166 -32.55 -4.54 8.80
N PHE B 167 -31.67 -5.45 8.39
CA PHE B 167 -31.55 -6.78 9.05
C PHE B 167 -30.14 -6.96 9.59
N ARG B 168 -30.04 -7.91 10.51
CA ARG B 168 -28.83 -8.16 11.33
C ARG B 168 -28.67 -9.63 11.57
N PRO B 169 -27.40 -10.08 11.74
CA PRO B 169 -27.23 -11.52 12.00
C PRO B 169 -28.05 -11.94 13.27
N SER B 170 -28.64 -13.12 13.26
CA SER B 170 -29.31 -13.62 14.46
C SER B 170 -28.66 -14.93 14.86
N GLY B 171 -28.61 -15.21 16.16
CA GLY B 171 -28.15 -16.51 16.61
C GLY B 171 -26.66 -16.68 16.51
N ILE B 172 -25.95 -15.55 16.39
CA ILE B 172 -24.50 -15.56 16.41
C ILE B 172 -24.00 -15.59 17.88
N THR B 173 -23.11 -16.53 18.21
CA THR B 173 -22.69 -16.74 19.61
C THR B 173 -21.26 -16.30 19.95
N THR B 174 -20.45 -15.99 18.93
CA THR B 174 -19.11 -15.49 19.20
C THR B 174 -19.35 -14.12 19.68
N GLY B 175 -18.34 -13.41 20.12
CA GLY B 175 -18.83 -12.22 20.80
C GLY B 175 -18.54 -10.89 20.18
N TYR B 176 -17.88 -10.10 21.01
CA TYR B 176 -17.05 -9.02 20.55
C TYR B 176 -15.79 -9.69 19.95
N LYS B 177 -15.81 -11.02 19.88
CA LYS B 177 -14.81 -11.83 19.20
C LYS B 177 -15.28 -12.29 17.80
N THR B 178 -16.36 -11.70 17.32
CA THR B 178 -16.90 -12.10 16.04
C THR B 178 -16.00 -11.59 14.90
N PHE B 179 -15.46 -10.39 15.08
CA PHE B 179 -14.51 -9.76 14.15
C PHE B 179 -13.16 -9.58 14.77
N ARG B 180 -12.12 -9.61 13.95
CA ARG B 180 -10.83 -9.12 14.34
C ARG B 180 -10.81 -7.65 13.91
N HIS B 181 -10.51 -6.76 14.85
CA HIS B 181 -10.43 -5.36 14.52
C HIS B 181 -8.95 -5.02 14.46
N LEU B 182 -8.46 -4.54 13.31
CA LEU B 182 -7.04 -4.34 13.08
C LEU B 182 -6.55 -2.97 13.56
N ARG B 207 -30.42 15.66 3.56
CA ARG B 207 -30.91 16.38 2.38
C ARG B 207 -30.45 15.77 1.03
N GLU B 208 -30.54 16.51 -0.06
CA GLU B 208 -30.49 15.89 -1.38
C GLU B 208 -29.09 15.67 -1.94
N GLY B 209 -29.01 14.72 -2.87
CA GLY B 209 -27.73 14.40 -3.44
C GLY B 209 -27.32 13.04 -2.94
N GLY B 210 -26.38 12.45 -3.67
CA GLY B 210 -25.64 11.27 -3.23
C GLY B 210 -25.18 10.59 -4.52
N LEU B 211 -25.70 9.41 -4.72
CA LEU B 211 -25.36 8.62 -5.91
C LEU B 211 -25.60 9.35 -7.23
N ASN B 212 -26.73 10.03 -7.36
CA ASN B 212 -26.93 10.87 -8.58
C ASN B 212 -26.23 12.25 -8.66
N THR B 213 -25.47 12.68 -7.67
CA THR B 213 -24.77 13.97 -7.80
C THR B 213 -23.22 13.88 -7.49
N VAL B 214 -22.69 12.73 -7.09
CA VAL B 214 -21.26 12.65 -6.81
C VAL B 214 -20.46 13.04 -8.09
N LYS B 215 -19.44 13.88 -7.91
CA LYS B 215 -18.61 14.33 -9.00
C LYS B 215 -17.23 13.77 -8.76
N TYR B 216 -16.60 13.21 -9.80
CA TYR B 216 -15.31 12.56 -9.58
C TYR B 216 -14.74 12.14 -10.89
N HIS B 217 -13.45 11.77 -10.87
CA HIS B 217 -12.89 10.96 -11.95
C HIS B 217 -11.95 9.87 -11.44
N VAL B 218 -11.73 8.82 -12.24
CA VAL B 218 -10.83 7.79 -11.80
C VAL B 218 -9.49 8.07 -12.46
N ALA B 219 -8.48 8.44 -11.67
CA ALA B 219 -7.17 8.81 -12.23
C ALA B 219 -6.46 7.58 -12.77
N SER B 220 -6.55 6.46 -12.06
CA SER B 220 -5.96 5.19 -12.56
C SER B 220 -6.67 3.96 -11.93
N ARG B 221 -6.53 2.81 -12.59
CA ARG B 221 -7.00 1.55 -12.03
CA ARG B 221 -7.01 1.53 -12.05
CA ARG B 221 -7.02 1.56 -12.05
C ARG B 221 -5.83 0.58 -12.05
N THR B 222 -5.61 -0.14 -10.95
CA THR B 222 -4.43 -0.99 -10.86
C THR B 222 -4.86 -2.35 -10.41
N ALA B 223 -4.50 -3.41 -11.15
CA ALA B 223 -4.68 -4.77 -10.64
C ALA B 223 -3.64 -5.10 -9.60
N LEU B 224 -4.04 -5.60 -8.45
CA LEU B 224 -3.11 -5.82 -7.36
C LEU B 224 -3.39 -7.18 -6.85
N SER B 225 -2.36 -7.99 -6.61
CA SER B 225 -2.56 -9.28 -5.98
C SER B 225 -1.77 -9.34 -4.71
N VAL B 226 -2.38 -9.86 -3.66
CA VAL B 226 -1.75 -9.88 -2.39
C VAL B 226 -1.81 -11.37 -1.99
N GLY B 227 -0.64 -11.98 -1.92
CA GLY B 227 -0.52 -13.41 -1.71
C GLY B 227 -1.35 -14.22 -2.69
N GLY B 228 -1.39 -13.84 -3.97
CA GLY B 228 -2.23 -14.54 -4.95
C GLY B 228 -3.66 -14.02 -5.06
N ALA B 229 -4.18 -13.42 -3.97
CA ALA B 229 -5.52 -12.86 -3.90
C ALA B 229 -5.76 -11.51 -4.61
N PRO B 230 -6.62 -11.47 -5.66
CA PRO B 230 -6.72 -10.23 -6.46
C PRO B 230 -7.64 -9.11 -5.84
N CYS B 231 -7.42 -7.88 -6.27
CA CYS B 231 -8.32 -6.84 -5.97
C CYS B 231 -7.96 -5.77 -7.01
N THR B 232 -8.81 -4.75 -7.14
CA THR B 232 -8.65 -3.64 -8.09
C THR B 232 -8.56 -2.37 -7.28
N VAL B 233 -7.48 -1.64 -7.45
CA VAL B 233 -7.34 -0.33 -6.82
C VAL B 233 -7.88 0.77 -7.76
N LEU B 234 -8.89 1.52 -7.32
CA LEU B 234 -9.28 2.72 -8.07
C LEU B 234 -8.68 3.91 -7.35
N ASN B 235 -7.81 4.65 -8.05
CA ASN B 235 -7.30 5.94 -7.57
C ASN B 235 -8.34 7.03 -7.95
N ILE B 236 -9.17 7.40 -6.96
CA ILE B 236 -10.32 8.29 -7.14
CA ILE B 236 -10.21 8.34 -7.32
C ILE B 236 -9.98 9.76 -6.81
N MET B 237 -10.33 10.69 -7.71
CA MET B 237 -10.13 12.14 -7.53
C MET B 237 -11.55 12.64 -7.39
N LEU B 238 -11.99 12.80 -6.16
CA LEU B 238 -13.30 13.37 -5.88
C LEU B 238 -13.27 14.89 -6.12
N ASP B 239 -14.28 15.40 -6.78
CA ASP B 239 -14.38 16.84 -6.94
CA ASP B 239 -14.43 16.85 -6.96
C ASP B 239 -15.05 17.38 -5.68
N CYS B 240 -14.77 18.62 -5.32
CA CYS B 240 -15.47 19.22 -4.21
C CYS B 240 -15.93 20.58 -4.72
N ASP B 241 -17.17 20.93 -4.46
CA ASP B 241 -17.64 22.30 -4.75
C ASP B 241 -17.41 23.18 -3.50
N LYS B 242 -16.32 23.93 -3.51
CA LYS B 242 -15.93 24.74 -2.35
C LYS B 242 -16.92 25.86 -2.00
N THR B 243 -17.78 26.21 -2.95
CA THR B 243 -18.82 27.20 -2.71
C THR B 243 -19.99 26.56 -1.96
N ALA B 244 -20.09 25.25 -2.05
CA ALA B 244 -21.18 24.61 -1.37
C ALA B 244 -20.71 23.87 -0.14
N THR B 245 -19.62 23.12 -0.27
CA THR B 245 -19.07 22.40 0.89
C THR B 245 -17.58 22.71 1.19
N PRO B 246 -17.26 23.95 1.64
CA PRO B 246 -15.87 24.36 1.82
C PRO B 246 -15.16 23.48 2.79
N TRP B 247 -15.93 22.89 3.67
CA TRP B 247 -15.33 22.07 4.67
C TRP B 247 -14.65 20.82 4.11
N CYS B 248 -14.67 20.64 2.78
CA CYS B 248 -13.91 19.54 2.20
C CYS B 248 -12.40 19.75 2.36
N THR B 249 -11.98 20.99 2.61
CA THR B 249 -10.59 21.36 2.41
C THR B 249 -9.52 21.01 3.44
N PHE B 250 -9.78 21.18 4.75
CA PHE B 250 -8.60 21.37 5.66
C PHE B 250 -7.56 20.24 5.64
N SER B 251 -7.97 19.05 6.06
CA SER B 251 -7.13 17.86 5.94
C SER B 251 -7.06 17.35 4.50
N1 UDP C . 9.99 7.03 3.28
C2 UDP C . 8.72 6.47 3.42
N3 UDP C . 7.88 7.03 4.38
C4 UDP C . 8.27 8.07 5.19
C5 UDP C . 9.56 8.60 5.06
C6 UDP C . 10.27 8.22 3.92
O2 UDP C . 8.33 5.52 2.69
O4 UDP C . 7.50 8.55 6.04
C1' UDP C . 10.97 6.49 2.32
C2' UDP C . 10.51 6.63 0.87
O2' UDP C . 11.04 5.48 0.18
C3' UDP C . 11.12 7.97 0.48
C4' UDP C . 12.47 7.89 1.22
O4' UDP C . 12.26 7.14 2.41
O3' UDP C . 11.25 8.17 -0.92
C5' UDP C . 13.11 9.24 1.55
O5' UDP C . 12.24 9.92 2.43
PA UDP C . 11.55 11.28 1.94
O1A UDP C . 11.32 11.19 0.47
O2A UDP C . 10.27 11.50 2.68
O3A UDP C . 12.71 12.39 2.27
PB UDP C . 13.83 12.90 1.21
O1B UDP C . 13.15 13.45 0.02
O2B UDP C . 14.64 13.98 1.84
O3B UDP C . 14.74 11.76 0.83
MN MN D . 11.39 12.27 -1.87
C ACT E . 9.82 9.67 11.44
O ACT E . 9.30 10.55 10.70
OXT ACT E . 9.01 9.07 12.22
CH3 ACT E . 11.31 9.37 11.38
C ACT F . 1.53 -5.29 -19.37
O ACT F . 1.84 -6.46 -19.73
OXT ACT F . 2.24 -4.36 -19.88
CH3 ACT F . 0.36 -5.05 -18.43
C ACT G . 28.08 -12.76 -18.81
O ACT G . 27.30 -13.59 -18.29
OXT ACT G . 27.70 -12.42 -19.94
CH3 ACT G . 29.39 -12.26 -18.19
C ACT H . 27.61 -1.84 -15.36
O ACT H . 27.91 -1.05 -14.39
OXT ACT H . 28.07 -3.02 -15.28
CH3 ACT H . 26.71 -1.47 -16.55
N1 IMD I . 34.81 3.32 -12.79
C2 IMD I . 34.31 2.12 -13.16
N3 IMD I . 33.05 2.01 -12.63
C4 IMD I . 32.75 3.14 -11.94
C5 IMD I . 33.88 3.96 -12.04
N1 UDP J . -10.56 4.58 6.22
C2 UDP J . -9.30 4.59 5.62
N3 UDP J . -8.41 5.60 5.94
C4 UDP J . -8.78 6.60 6.84
C5 UDP J . -10.04 6.59 7.43
C6 UDP J . -10.84 5.47 7.24
O2 UDP J . -8.96 3.69 4.82
O4 UDP J . -7.98 7.50 7.11
C1' UDP J . -11.54 3.53 5.87
C2' UDP J . -11.04 2.12 6.24
O2' UDP J . -11.60 1.13 5.35
C3' UDP J . -11.59 2.06 7.65
C4' UDP J . -12.97 2.75 7.48
O4' UDP J . -12.77 3.81 6.55
O3' UDP J . -11.66 0.72 8.12
C5' UDP J . -13.58 3.26 8.77
O5' UDP J . -12.71 4.22 9.32
PA UDP J . -11.97 3.95 10.73
O1A UDP J . -11.69 2.50 10.92
O2A UDP J . -10.73 4.81 10.67
O3A UDP J . -13.08 4.48 11.80
PB UDP J . -14.07 3.59 12.75
O1B UDP J . -13.41 2.32 13.16
O2B UDP J . -14.39 4.36 13.97
O3B UDP J . -15.34 3.25 12.05
MN MN K . -11.85 0.64 12.57
C ACT L . -25.00 -11.24 -12.64
O ACT L . -23.76 -11.47 -12.66
OXT ACT L . -25.33 -10.02 -12.69
CH3 ACT L . -26.01 -12.37 -12.55
C ACT M . -24.80 -1.15 -21.47
O ACT M . -25.90 -0.56 -21.35
OXT ACT M . -24.39 -1.38 -22.65
CH3 ACT M . -24.00 -1.58 -20.26
#